data_3O31
#
_entry.id   3O31
#
_cell.length_a   64.370
_cell.length_b   67.899
_cell.length_c   147.408
_cell.angle_alpha   90.000
_cell.angle_beta   90.000
_cell.angle_gamma   90.000
#
_symmetry.space_group_name_H-M   'P 21 21 21'
#
loop_
_entity.id
_entity.type
_entity.pdbx_description
1 polymer 'ThermoNicotianamine Synthase'
2 non-polymer 'N-[(3S)-3-amino-3-carboxypropyl]-L-glutamic acid'
3 non-polymer 'BROMIDE ION'
4 water water
#
_entity_poly.entity_id   1
_entity_poly.type   'polypeptide(L)'
_entity_poly.pdbx_seq_one_letter_code
;SCYIYWDKIKRIASRLEGMNYHFDEMDTSGVMPLLDEIEEIAHDSTIDFESAKHILDDAEMNHALSLIRKFYVNLGMKLQ
MEKAQEVIESDSPWETLRSFYFYPRYLELLKNEAALGRFRRGERAVFIGGGPLPLTGILLSHVYGMRVNVVEIEPDIAEL
SRKVIEGLGVDGVNVITGDETVIDGLEFDVLMVAALAEPKRRVFRNIHRYVDTETRIIYRTYTGMRAILYAPVSDDDITG
FRRAGVVLPSGKVNNTSVLVFKCPKGELNSKLEGKPIPNPLLGLDSTRTGHHHHHH
;
_entity_poly.pdbx_strand_id   A,B
#
loop_
_chem_comp.id
_chem_comp.type
_chem_comp.name
_chem_comp.formula
BR non-polymer 'BROMIDE ION' 'Br -1'
#
# COMPACT_ATOMS: atom_id res chain seq x y z
N SER A 1 -17.88 4.09 -8.98
CA SER A 1 -17.07 5.19 -8.40
C SER A 1 -17.04 6.49 -9.22
N CYS A 2 -16.47 7.53 -8.60
CA CYS A 2 -16.72 8.90 -9.03
C CYS A 2 -15.62 9.90 -8.62
N TYR A 3 -14.37 9.49 -8.78
CA TYR A 3 -13.20 10.32 -8.42
C TYR A 3 -13.05 11.52 -9.37
N ILE A 4 -12.78 12.69 -8.78
CA ILE A 4 -12.58 13.92 -9.55
C ILE A 4 -11.43 13.74 -10.55
N TYR A 5 -10.44 12.92 -10.16
CA TYR A 5 -9.25 12.73 -10.96
C TYR A 5 -9.53 11.99 -12.26
N TRP A 6 -10.64 11.26 -12.33
CA TRP A 6 -10.97 10.51 -13.54
C TRP A 6 -11.08 11.46 -14.73
N ASP A 7 -11.99 12.42 -14.63
CA ASP A 7 -12.17 13.40 -15.71
C ASP A 7 -10.93 14.24 -15.96
N LYS A 8 -10.22 14.61 -14.88
CA LYS A 8 -8.98 15.39 -15.03
C LYS A 8 -7.98 14.62 -15.90
N ILE A 9 -7.86 13.31 -15.64
CA ILE A 9 -6.95 12.47 -16.42
C ILE A 9 -7.41 12.36 -17.88
N LYS A 10 -8.70 12.12 -18.07
CA LYS A 10 -9.25 12.01 -19.42
C LYS A 10 -9.05 13.28 -20.21
N ARG A 11 -9.26 14.42 -19.56
CA ARG A 11 -9.03 15.73 -20.17
C ARG A 11 -7.58 15.94 -20.62
N ILE A 12 -6.64 15.64 -19.73
CA ILE A 12 -5.23 15.73 -20.12
C ILE A 12 -4.95 14.83 -21.31
N ALA A 13 -5.43 13.59 -21.25
CA ALA A 13 -5.18 12.63 -22.31
C ALA A 13 -5.76 13.10 -23.65
N SER A 14 -6.88 13.81 -23.61
CA SER A 14 -7.49 14.30 -24.86
C SER A 14 -6.53 15.25 -25.59
N ARG A 15 -5.70 15.96 -24.81
CA ARG A 15 -4.75 16.93 -25.36
C ARG A 15 -3.41 16.31 -25.77
N LEU A 16 -3.27 15.02 -25.48
CA LEU A 16 -2.14 14.19 -25.92
C LEU A 16 -2.44 13.34 -27.15
N GLU A 17 -3.73 13.08 -27.39
CA GLU A 17 -4.19 12.22 -28.47
C GLU A 17 -3.56 12.56 -29.83
N GLY A 18 -3.50 13.86 -30.14
CA GLY A 18 -2.99 14.32 -31.43
C GLY A 18 -1.48 14.16 -31.59
N MET A 19 -0.79 13.85 -30.50
CA MET A 19 0.65 13.54 -30.56
C MET A 19 0.91 12.02 -30.66
N ASN A 20 -0.14 11.20 -30.61
CA ASN A 20 0.07 9.74 -30.53
C ASN A 20 0.89 9.21 -31.69
N TYR A 21 1.78 8.26 -31.37
CA TYR A 21 2.71 7.64 -32.32
C TYR A 21 3.81 8.57 -32.79
N HIS A 22 3.84 9.79 -32.24
CA HIS A 22 4.85 10.80 -32.60
C HIS A 22 5.36 11.61 -31.41
N PHE A 23 5.24 11.07 -30.20
CA PHE A 23 5.72 11.78 -29.00
C PHE A 23 7.22 12.09 -29.02
N ASP A 24 7.98 11.33 -29.81
CA ASP A 24 9.43 11.56 -29.87
C ASP A 24 9.74 12.90 -30.56
N GLU A 25 8.76 13.46 -31.26
CA GLU A 25 8.90 14.73 -32.00
C GLU A 25 8.56 15.96 -31.15
N MET A 26 8.19 15.73 -29.89
CA MET A 26 7.83 16.80 -28.96
C MET A 26 8.93 17.85 -28.78
N ASP A 27 8.51 19.09 -28.56
CA ASP A 27 9.39 20.16 -28.11
C ASP A 27 9.45 20.14 -26.59
N THR A 28 10.58 19.71 -26.03
CA THR A 28 10.63 19.49 -24.58
C THR A 28 10.30 20.73 -23.76
N SER A 29 10.78 21.90 -24.18
CA SER A 29 10.45 23.10 -23.44
C SER A 29 8.94 23.38 -23.50
N GLY A 30 8.38 23.23 -24.70
CA GLY A 30 6.96 23.52 -24.94
C GLY A 30 5.99 22.63 -24.19
N VAL A 31 6.41 21.41 -23.86
CA VAL A 31 5.50 20.45 -23.21
C VAL A 31 5.69 20.32 -21.69
N MET A 32 6.57 21.14 -21.12
CA MET A 32 6.75 21.12 -19.67
C MET A 32 5.45 21.38 -18.90
N PRO A 33 4.60 22.35 -19.35
CA PRO A 33 3.31 22.54 -18.66
C PRO A 33 2.45 21.27 -18.61
N LEU A 34 2.51 20.45 -19.67
CA LEU A 34 1.78 19.19 -19.66
C LEU A 34 2.29 18.22 -18.60
N LEU A 35 3.62 18.10 -18.50
CA LEU A 35 4.19 17.30 -17.45
C LEU A 35 3.74 17.79 -16.08
N ASP A 36 3.70 19.12 -15.90
CA ASP A 36 3.25 19.65 -14.60
C ASP A 36 1.81 19.24 -14.30
N GLU A 37 0.94 19.25 -15.31
CA GLU A 37 -0.46 18.85 -15.12
C GLU A 37 -0.55 17.41 -14.67
N ILE A 38 0.26 16.56 -15.30
CA ILE A 38 0.26 15.12 -15.00
C ILE A 38 0.81 14.91 -13.59
N GLU A 39 1.92 15.57 -13.29
CA GLU A 39 2.53 15.43 -11.97
C GLU A 39 1.69 15.99 -10.84
N GLU A 40 0.87 17.00 -11.12
CA GLU A 40 -0.09 17.52 -10.14
C GLU A 40 -0.97 16.42 -9.56
N ILE A 41 -1.35 15.51 -10.44
CA ILE A 41 -2.19 14.38 -10.09
C ILE A 41 -1.34 13.25 -9.49
N ALA A 42 -0.27 12.86 -10.19
CA ALA A 42 0.65 11.82 -9.72
C ALA A 42 1.11 12.10 -8.29
N HIS A 43 1.44 13.37 -7.99
CA HIS A 43 2.06 13.71 -6.70
C HIS A 43 1.06 14.08 -5.61
N ASP A 44 -0.22 13.93 -5.89
CA ASP A 44 -1.23 14.35 -4.92
C ASP A 44 -1.26 13.33 -3.79
N SER A 45 -0.82 13.75 -2.60
CA SER A 45 -0.71 12.81 -1.49
C SER A 45 -2.07 12.43 -0.88
N THR A 46 -3.15 13.11 -1.27
CA THR A 46 -4.47 12.74 -0.75
C THR A 46 -5.10 11.54 -1.48
N ILE A 47 -4.48 11.10 -2.58
CA ILE A 47 -4.98 9.95 -3.33
C ILE A 47 -4.33 8.70 -2.77
N ASP A 48 -5.13 7.84 -2.16
CA ASP A 48 -4.55 6.62 -1.59
C ASP A 48 -4.33 5.55 -2.65
N PHE A 49 -3.51 4.55 -2.32
CA PHE A 49 -3.14 3.57 -3.35
C PHE A 49 -4.32 2.79 -3.88
N GLU A 50 -5.33 2.53 -3.03
CA GLU A 50 -6.52 1.81 -3.45
C GLU A 50 -7.31 2.61 -4.49
N SER A 51 -7.39 3.93 -4.28
CA SER A 51 -8.09 4.82 -5.22
C SER A 51 -7.34 4.90 -6.55
N ALA A 52 -6.02 5.02 -6.47
CA ALA A 52 -5.20 5.10 -7.67
C ALA A 52 -5.37 3.83 -8.51
N LYS A 53 -5.32 2.68 -7.85
CA LYS A 53 -5.49 1.38 -8.49
C LYS A 53 -6.86 1.27 -9.15
N HIS A 54 -7.90 1.71 -8.45
CA HIS A 54 -9.27 1.73 -8.98
C HIS A 54 -9.32 2.47 -10.32
N ILE A 55 -8.73 3.66 -10.34
CA ILE A 55 -8.73 4.50 -11.55
C ILE A 55 -7.88 3.87 -12.66
N LEU A 56 -6.64 3.53 -12.33
CA LEU A 56 -5.64 3.19 -13.35
C LEU A 56 -5.83 1.80 -13.97
N ASP A 57 -6.49 0.92 -13.21
CA ASP A 57 -6.80 -0.44 -13.66
C ASP A 57 -8.11 -0.56 -14.43
N ASP A 58 -8.92 0.51 -14.45
CA ASP A 58 -10.21 0.46 -15.13
C ASP A 58 -10.00 0.34 -16.63
N ALA A 59 -10.69 -0.60 -17.26
CA ALA A 59 -10.58 -0.79 -18.73
C ALA A 59 -10.80 0.48 -19.53
N GLU A 60 -11.72 1.34 -19.05
CA GLU A 60 -12.09 2.57 -19.74
C GLU A 60 -10.96 3.60 -19.67
N MET A 61 -9.99 3.36 -18.78
CA MET A 61 -8.83 4.25 -18.63
C MET A 61 -7.61 3.78 -19.46
N ASN A 62 -7.72 2.62 -20.12
CA ASN A 62 -6.55 2.07 -20.78
C ASN A 62 -5.89 2.99 -21.82
N HIS A 63 -6.72 3.58 -22.69
CA HIS A 63 -6.18 4.40 -23.79
C HIS A 63 -5.52 5.66 -23.24
N ALA A 64 -6.18 6.27 -22.26
CA ALA A 64 -5.67 7.51 -21.63
C ALA A 64 -4.33 7.21 -20.95
N LEU A 65 -4.27 6.08 -20.24
CA LEU A 65 -3.06 5.67 -19.53
C LEU A 65 -1.95 5.44 -20.55
N SER A 66 -2.27 4.80 -21.68
CA SER A 66 -1.26 4.60 -22.73
C SER A 66 -0.66 5.91 -23.27
N LEU A 67 -1.51 6.90 -23.52
CA LEU A 67 -1.05 8.20 -23.99
C LEU A 67 -0.15 8.89 -22.98
N ILE A 68 -0.57 8.88 -21.72
CA ILE A 68 0.22 9.52 -20.70
C ILE A 68 1.59 8.84 -20.54
N ARG A 69 1.61 7.52 -20.58
CA ARG A 69 2.88 6.80 -20.44
C ARG A 69 3.81 7.07 -21.64
N LYS A 70 3.24 7.10 -22.85
CA LYS A 70 4.06 7.42 -24.01
C LYS A 70 4.67 8.82 -23.91
N PHE A 71 3.87 9.76 -23.45
CA PHE A 71 4.34 11.14 -23.29
C PHE A 71 5.50 11.20 -22.30
N TYR A 72 5.27 10.58 -21.13
CA TYR A 72 6.24 10.59 -20.05
C TYR A 72 7.59 9.97 -20.47
N VAL A 73 7.56 8.78 -21.06
CA VAL A 73 8.80 8.10 -21.43
C VAL A 73 9.56 8.88 -22.54
N ASN A 74 8.83 9.44 -23.50
CA ASN A 74 9.46 10.22 -24.55
C ASN A 74 10.02 11.56 -24.07
N LEU A 75 9.29 12.21 -23.17
CA LEU A 75 9.81 13.46 -22.59
C LEU A 75 11.07 13.21 -21.74
N GLY A 76 11.02 12.16 -20.91
CA GLY A 76 12.18 11.80 -20.07
C GLY A 76 13.41 11.54 -20.93
N MET A 77 13.25 10.72 -21.97
CA MET A 77 14.38 10.38 -22.86
C MET A 77 14.97 11.58 -23.56
N LYS A 78 14.09 12.47 -24.02
CA LYS A 78 14.54 13.66 -24.74
C LYS A 78 15.24 14.62 -23.79
N LEU A 79 14.69 14.81 -22.59
CA LEU A 79 15.36 15.66 -21.60
C LEU A 79 16.76 15.12 -21.27
N GLN A 80 16.87 13.80 -21.16
CA GLN A 80 18.14 13.18 -20.82
C GLN A 80 19.14 13.35 -21.94
N MET A 81 18.69 13.14 -23.18
CA MET A 81 19.54 13.24 -24.36
C MET A 81 20.07 14.67 -24.47
N GLU A 82 19.16 15.62 -24.34
CA GLU A 82 19.51 17.03 -24.46
C GLU A 82 20.53 17.43 -23.39
N LYS A 83 20.30 16.99 -22.17
CA LYS A 83 21.19 17.33 -21.08
C LYS A 83 22.58 16.71 -21.24
N ALA A 84 22.63 15.45 -21.67
CA ALA A 84 23.88 14.75 -21.90
C ALA A 84 24.74 15.57 -22.88
N GLN A 85 24.13 15.96 -24.00
CA GLN A 85 24.83 16.74 -25.02
C GLN A 85 25.26 18.11 -24.48
N GLU A 86 24.40 18.73 -23.67
CA GLU A 86 24.74 20.02 -23.05
C GLU A 86 25.97 19.90 -22.13
N VAL A 87 25.98 18.85 -21.29
CA VAL A 87 27.07 18.63 -20.34
C VAL A 87 28.41 18.42 -21.06
N ILE A 88 28.39 17.63 -22.14
CA ILE A 88 29.60 17.34 -22.93
C ILE A 88 30.17 18.63 -23.54
N GLU A 89 29.30 19.55 -23.94
CA GLU A 89 29.69 20.82 -24.59
C GLU A 89 29.99 21.95 -23.60
N SER A 90 29.66 21.74 -22.32
CA SER A 90 29.79 22.81 -21.33
C SER A 90 31.20 23.01 -20.75
N ASP A 91 31.54 24.26 -20.51
CA ASP A 91 32.77 24.60 -19.79
C ASP A 91 32.62 24.43 -18.29
N SER A 92 31.37 24.36 -17.85
CA SER A 92 31.03 24.18 -16.44
C SER A 92 30.10 22.98 -16.37
N PRO A 93 30.63 21.77 -16.60
CA PRO A 93 29.75 20.60 -16.71
C PRO A 93 28.94 20.26 -15.45
N TRP A 94 29.54 20.39 -14.26
CA TRP A 94 28.80 20.07 -13.03
C TRP A 94 27.66 21.08 -12.79
N GLU A 95 27.94 22.36 -13.00
CA GLU A 95 26.85 23.35 -12.96
C GLU A 95 25.74 23.02 -13.97
N THR A 96 26.15 22.65 -15.19
CA THR A 96 25.19 22.27 -16.23
C THR A 96 24.36 21.04 -15.80
N LEU A 97 25.04 20.05 -15.25
CA LEU A 97 24.35 18.84 -14.78
C LEU A 97 23.36 19.16 -13.66
N ARG A 98 23.77 20.00 -12.72
CA ARG A 98 22.91 20.33 -11.58
C ARG A 98 21.65 21.09 -12.02
N SER A 99 21.66 21.66 -13.22
CA SER A 99 20.51 22.38 -13.77
C SER A 99 19.48 21.44 -14.43
N PHE A 100 19.82 20.17 -14.53
CA PHE A 100 18.89 19.17 -15.07
C PHE A 100 17.57 19.26 -14.30
N TYR A 101 16.47 19.23 -15.04
CA TYR A 101 15.16 19.50 -14.44
C TYR A 101 14.90 18.57 -13.27
N PHE A 102 15.29 17.30 -13.42
CA PHE A 102 15.02 16.30 -12.37
C PHE A 102 16.12 16.11 -11.32
N TYR A 103 17.20 16.91 -11.41
CA TYR A 103 18.40 16.67 -10.60
C TYR A 103 18.12 16.54 -9.08
N PRO A 104 17.40 17.51 -8.48
CA PRO A 104 17.11 17.36 -7.03
C PRO A 104 16.42 16.05 -6.62
N ARG A 105 15.58 15.52 -7.51
CA ARG A 105 14.83 14.30 -7.21
C ARG A 105 15.78 13.11 -7.16
N TYR A 106 16.78 13.09 -8.05
CA TYR A 106 17.80 12.04 -8.02
C TYR A 106 18.56 12.02 -6.70
N LEU A 107 18.85 13.20 -6.15
CA LEU A 107 19.59 13.25 -4.88
C LEU A 107 18.76 12.60 -3.76
N GLU A 108 17.47 12.90 -3.73
CA GLU A 108 16.54 12.35 -2.75
C GLU A 108 16.33 10.86 -2.98
N LEU A 109 16.11 10.48 -4.23
CA LEU A 109 15.91 9.08 -4.58
C LEU A 109 17.11 8.23 -4.13
N LEU A 110 18.32 8.71 -4.42
CA LEU A 110 19.52 7.99 -4.11
C LEU A 110 19.76 7.92 -2.61
N LYS A 111 19.39 9.00 -1.92
CA LYS A 111 19.56 9.08 -0.47
C LYS A 111 18.70 7.98 0.15
N ASN A 112 17.46 7.85 -0.31
CA ASN A 112 16.54 6.79 0.15
C ASN A 112 17.13 5.41 -0.12
N GLU A 113 17.64 5.24 -1.35
CA GLU A 113 18.18 3.95 -1.78
C GLU A 113 19.43 3.50 -1.02
N ALA A 114 20.27 4.48 -0.69
CA ALA A 114 21.50 4.26 0.06
C ALA A 114 21.17 3.70 1.44
N ALA A 115 20.12 4.23 2.07
CA ALA A 115 19.66 3.68 3.35
C ALA A 115 19.07 2.28 3.18
N LEU A 116 18.16 2.12 2.23
CA LEU A 116 17.55 0.82 1.92
C LEU A 116 18.56 -0.30 1.66
N GLY A 117 19.59 0.02 0.88
CA GLY A 117 20.55 -0.97 0.43
C GLY A 117 21.80 -0.96 1.28
N ARG A 118 21.80 -0.14 2.33
CA ARG A 118 22.91 0.00 3.27
C ARG A 118 24.25 0.17 2.54
N PHE A 119 24.29 1.15 1.65
CA PHE A 119 25.48 1.43 0.86
C PHE A 119 26.61 1.90 1.77
N ARG A 120 27.80 1.35 1.53
CA ARG A 120 29.02 1.76 2.24
C ARG A 120 30.06 2.22 1.22
N ARG A 121 30.85 3.23 1.57
CA ARG A 121 31.94 3.67 0.71
C ARG A 121 32.86 2.51 0.34
N GLY A 122 33.24 2.49 -0.94
CA GLY A 122 34.12 1.45 -1.48
C GLY A 122 33.42 0.20 -1.96
N GLU A 123 32.14 0.08 -1.66
CA GLU A 123 31.37 -1.07 -2.15
C GLU A 123 31.23 -0.95 -3.68
N ARG A 124 31.02 -2.08 -4.33
CA ARG A 124 31.02 -2.17 -5.79
C ARG A 124 29.59 -2.25 -6.25
N ALA A 125 29.21 -1.35 -7.14
CA ALA A 125 27.84 -1.32 -7.63
C ALA A 125 27.83 -1.50 -9.14
N VAL A 126 26.85 -2.26 -9.62
CA VAL A 126 26.53 -2.32 -11.05
C VAL A 126 25.15 -1.72 -11.26
N PHE A 127 25.03 -0.86 -12.26
CA PHE A 127 23.75 -0.20 -12.56
C PHE A 127 23.36 -0.63 -13.95
N ILE A 128 22.19 -1.25 -14.09
CA ILE A 128 21.72 -1.72 -15.40
C ILE A 128 20.80 -0.68 -16.00
N GLY A 129 21.23 -0.11 -17.13
CA GLY A 129 20.43 0.84 -17.89
C GLY A 129 20.81 2.30 -17.71
N GLY A 130 22.11 2.60 -17.75
CA GLY A 130 22.56 4.00 -17.76
C GLY A 130 21.77 5.04 -18.57
N GLY A 131 21.48 4.74 -19.85
CA GLY A 131 20.93 5.75 -20.76
C GLY A 131 22.01 6.76 -21.09
N PRO A 132 21.68 7.81 -21.86
CA PRO A 132 22.73 8.79 -22.22
C PRO A 132 23.24 9.65 -21.07
N LEU A 133 22.46 9.78 -20.00
CA LEU A 133 22.86 10.63 -18.89
C LEU A 133 22.89 9.73 -17.64
N PRO A 134 24.06 9.14 -17.33
CA PRO A 134 24.12 8.12 -16.30
C PRO A 134 24.21 8.73 -14.89
N LEU A 135 23.18 9.51 -14.53
CA LEU A 135 23.21 10.31 -13.31
C LEU A 135 23.34 9.44 -12.09
N THR A 136 22.60 8.33 -12.05
CA THR A 136 22.65 7.50 -10.87
C THR A 136 24.07 6.96 -10.70
N GLY A 137 24.67 6.45 -11.77
CA GLY A 137 26.07 5.96 -11.69
C GLY A 137 27.01 7.04 -11.18
N ILE A 138 26.85 8.24 -11.73
CA ILE A 138 27.66 9.41 -11.36
C ILE A 138 27.55 9.69 -9.87
N LEU A 139 26.32 9.78 -9.37
CA LEU A 139 26.11 10.05 -7.95
C LEU A 139 26.54 8.92 -7.03
N LEU A 140 26.46 7.66 -7.49
CA LEU A 140 26.87 6.52 -6.65
C LEU A 140 28.34 6.64 -6.27
N SER A 141 29.15 7.10 -7.22
CA SER A 141 30.57 7.38 -6.96
C SER A 141 30.78 8.71 -6.22
N HIS A 142 30.24 9.77 -6.78
CA HIS A 142 30.45 11.13 -6.31
C HIS A 142 29.94 11.35 -4.88
N VAL A 143 28.75 10.86 -4.59
CA VAL A 143 28.13 11.08 -3.28
C VAL A 143 28.44 9.93 -2.32
N TYR A 144 28.37 8.70 -2.80
CA TYR A 144 28.44 7.54 -1.90
C TYR A 144 29.75 6.76 -1.94
N GLY A 145 30.67 7.23 -2.78
CA GLY A 145 32.01 6.63 -2.90
C GLY A 145 32.01 5.17 -3.28
N MET A 146 31.02 4.75 -4.06
CA MET A 146 30.98 3.39 -4.56
C MET A 146 31.75 3.31 -5.88
N ARG A 147 32.23 2.11 -6.19
CA ARG A 147 32.95 1.86 -7.46
C ARG A 147 31.91 1.26 -8.40
N VAL A 148 31.76 1.85 -9.59
CA VAL A 148 30.56 1.60 -10.40
C VAL A 148 30.86 1.15 -11.82
N ASN A 149 30.19 0.06 -12.25
CA ASN A 149 30.05 -0.22 -13.68
C ASN A 149 28.61 0.00 -14.06
N VAL A 150 28.40 0.86 -15.05
CA VAL A 150 27.06 1.11 -15.64
C VAL A 150 26.97 0.25 -16.91
N VAL A 151 25.83 -0.41 -17.11
CA VAL A 151 25.72 -1.28 -18.26
C VAL A 151 24.73 -0.65 -19.23
N GLU A 152 25.13 -0.53 -20.50
CA GLU A 152 24.27 0.11 -21.52
C GLU A 152 24.26 -0.69 -22.82
N ILE A 153 23.06 -1.05 -23.31
CA ILE A 153 22.94 -2.00 -24.41
C ILE A 153 23.26 -1.39 -25.78
N GLU A 154 23.01 -0.10 -25.93
CA GLU A 154 23.18 0.58 -27.22
C GLU A 154 24.54 1.27 -27.28
N PRO A 155 25.41 0.81 -28.18
CA PRO A 155 26.77 1.34 -28.34
C PRO A 155 26.84 2.87 -28.44
N ASP A 156 25.95 3.47 -29.21
CA ASP A 156 26.00 4.94 -29.36
C ASP A 156 25.66 5.68 -28.07
N ILE A 157 24.67 5.15 -27.35
CA ILE A 157 24.25 5.69 -26.05
C ILE A 157 25.39 5.49 -25.03
N ALA A 158 26.04 4.33 -25.09
CA ALA A 158 27.18 4.04 -24.23
C ALA A 158 28.30 5.05 -24.44
N GLU A 159 28.59 5.35 -25.71
CA GLU A 159 29.62 6.33 -26.04
C GLU A 159 29.29 7.71 -25.48
N LEU A 160 28.03 8.14 -25.64
CA LEU A 160 27.57 9.43 -25.06
C LEU A 160 27.71 9.47 -23.54
N SER A 161 27.24 8.42 -22.86
CA SER A 161 27.34 8.39 -21.39
C SER A 161 28.80 8.46 -20.93
N ARG A 162 29.73 7.79 -21.62
CA ARG A 162 31.16 7.89 -21.29
C ARG A 162 31.67 9.32 -21.37
N LYS A 163 31.27 10.03 -22.41
CA LYS A 163 31.67 11.44 -22.60
C LYS A 163 31.12 12.35 -21.50
N VAL A 164 29.92 12.03 -20.99
CA VAL A 164 29.34 12.81 -19.90
C VAL A 164 30.19 12.58 -18.64
N ILE A 165 30.48 11.30 -18.35
CA ILE A 165 31.26 10.96 -17.17
C ILE A 165 32.66 11.58 -17.23
N GLU A 166 33.27 11.52 -18.39
CA GLU A 166 34.62 12.06 -18.60
C GLU A 166 34.64 13.59 -18.52
N GLY A 167 33.63 14.22 -19.11
CA GLY A 167 33.44 15.68 -19.04
C GLY A 167 33.42 16.20 -17.61
N LEU A 168 32.78 15.44 -16.73
CA LEU A 168 32.59 15.81 -15.34
C LEU A 168 33.81 15.56 -14.49
N GLY A 169 34.73 14.70 -14.98
CA GLY A 169 35.90 14.29 -14.20
C GLY A 169 35.60 13.35 -13.06
N VAL A 170 34.46 12.68 -13.15
CA VAL A 170 34.07 11.73 -12.14
C VAL A 170 34.94 10.48 -12.21
N ASP A 171 35.43 10.03 -11.05
CA ASP A 171 36.23 8.82 -10.96
C ASP A 171 35.42 7.63 -10.47
N GLY A 172 35.88 6.42 -10.85
CA GLY A 172 35.27 5.20 -10.37
C GLY A 172 33.95 4.87 -11.03
N VAL A 173 33.72 5.45 -12.21
CA VAL A 173 32.51 5.13 -12.99
C VAL A 173 32.87 4.76 -14.42
N ASN A 174 32.61 3.51 -14.75
CA ASN A 174 32.91 2.96 -16.07
C ASN A 174 31.62 2.50 -16.74
N VAL A 175 31.57 2.60 -18.08
CA VAL A 175 30.43 2.12 -18.83
C VAL A 175 30.82 0.88 -19.63
N ILE A 176 29.99 -0.16 -19.49
CA ILE A 176 30.18 -1.41 -20.22
C ILE A 176 29.07 -1.55 -21.25
N THR A 177 29.45 -1.63 -22.52
CA THR A 177 28.46 -1.84 -23.56
C THR A 177 28.04 -3.30 -23.63
N GLY A 178 26.76 -3.57 -23.40
CA GLY A 178 26.26 -4.95 -23.51
C GLY A 178 24.90 -5.09 -22.89
N ASP A 179 24.36 -6.30 -22.94
CA ASP A 179 23.11 -6.59 -22.27
C ASP A 179 23.40 -6.94 -20.80
N GLU A 180 22.36 -7.28 -20.06
CA GLU A 180 22.46 -7.49 -18.62
C GLU A 180 23.35 -8.67 -18.24
N THR A 181 23.58 -9.52 -19.23
CA THR A 181 24.31 -10.76 -19.08
C THR A 181 25.82 -10.48 -18.86
N VAL A 182 26.24 -9.25 -19.12
CA VAL A 182 27.64 -8.89 -18.85
C VAL A 182 28.00 -8.98 -17.37
N ILE A 183 26.99 -9.00 -16.46
CA ILE A 183 27.29 -9.13 -15.03
C ILE A 183 27.93 -10.49 -14.67
N ASP A 184 27.83 -11.45 -15.60
CA ASP A 184 28.49 -12.76 -15.42
C ASP A 184 29.99 -12.57 -15.15
N GLY A 185 30.60 -11.60 -15.85
CA GLY A 185 32.03 -11.35 -15.69
C GLY A 185 32.40 -10.25 -14.71
N LEU A 186 31.45 -9.86 -13.83
CA LEU A 186 31.67 -8.82 -12.83
C LEU A 186 31.54 -9.34 -11.41
N GLU A 187 32.18 -8.65 -10.49
CA GLU A 187 32.14 -8.95 -9.06
C GLU A 187 31.64 -7.71 -8.37
N PHE A 188 30.54 -7.84 -7.63
CA PHE A 188 29.86 -6.66 -7.15
C PHE A 188 29.04 -6.98 -5.89
N ASP A 189 28.75 -5.93 -5.14
CA ASP A 189 28.03 -6.02 -3.86
C ASP A 189 26.56 -5.61 -4.00
N VAL A 190 26.32 -4.62 -4.85
CA VAL A 190 24.96 -4.11 -5.07
C VAL A 190 24.67 -4.06 -6.57
N LEU A 191 23.48 -4.48 -6.95
CA LEU A 191 23.05 -4.41 -8.34
C LEU A 191 21.80 -3.53 -8.38
N MET A 192 21.77 -2.55 -9.28
CA MET A 192 20.58 -1.71 -9.43
C MET A 192 20.00 -1.83 -10.82
N VAL A 193 18.69 -1.85 -10.92
CA VAL A 193 18.02 -1.90 -12.21
C VAL A 193 17.27 -0.58 -12.44
N ALA A 194 17.64 0.16 -13.49
CA ALA A 194 17.02 1.45 -13.77
C ALA A 194 15.50 1.33 -13.94
N ALA A 195 14.82 2.44 -13.65
CA ALA A 195 13.38 2.56 -13.82
C ALA A 195 12.99 2.18 -15.25
N LEU A 196 13.79 2.64 -16.22
CA LEU A 196 13.42 2.47 -17.62
C LEU A 196 14.10 1.28 -18.31
N ALA A 197 14.85 0.48 -17.55
CA ALA A 197 15.45 -0.74 -18.09
C ALA A 197 14.37 -1.74 -18.55
N GLU A 198 14.42 -2.13 -19.83
CA GLU A 198 13.39 -3.03 -20.43
C GLU A 198 14.07 -4.07 -21.32
N PRO A 199 13.43 -5.24 -21.53
CA PRO A 199 12.16 -5.68 -20.99
C PRO A 199 12.38 -6.27 -19.62
N LYS A 200 11.56 -5.89 -18.66
CA LYS A 200 11.79 -6.35 -17.27
C LYS A 200 11.87 -7.88 -17.18
N ARG A 201 10.98 -8.58 -17.88
CA ARG A 201 10.95 -10.04 -17.77
C ARG A 201 12.31 -10.65 -18.06
N ARG A 202 12.87 -10.33 -19.23
CA ARG A 202 14.15 -10.88 -19.64
C ARG A 202 15.27 -10.47 -18.69
N VAL A 203 15.31 -9.18 -18.37
CA VAL A 203 16.34 -8.64 -17.50
C VAL A 203 16.40 -9.36 -16.15
N PHE A 204 15.25 -9.54 -15.49
CA PHE A 204 15.27 -10.17 -14.15
C PHE A 204 15.58 -11.66 -14.23
N ARG A 205 15.10 -12.32 -15.27
CA ARG A 205 15.40 -13.74 -15.44
C ARG A 205 16.89 -13.95 -15.65
N ASN A 206 17.54 -13.00 -16.37
CA ASN A 206 19.00 -13.07 -16.55
C ASN A 206 19.76 -12.75 -15.25
N ILE A 207 19.35 -11.68 -14.56
CA ILE A 207 19.91 -11.35 -13.25
C ILE A 207 19.92 -12.56 -12.31
N HIS A 208 18.78 -13.27 -12.27
CA HIS A 208 18.61 -14.39 -11.35
C HIS A 208 19.72 -15.43 -11.56
N ARG A 209 20.12 -15.63 -12.82
CA ARG A 209 21.14 -16.63 -13.14
C ARG A 209 22.54 -16.31 -12.61
N TYR A 210 22.84 -15.02 -12.44
CA TYR A 210 24.22 -14.60 -12.19
C TYR A 210 24.52 -14.17 -10.77
N VAL A 211 23.51 -13.67 -10.06
CA VAL A 211 23.73 -13.17 -8.69
C VAL A 211 23.71 -14.33 -7.68
N ASP A 212 24.15 -14.08 -6.45
CA ASP A 212 23.93 -15.08 -5.40
C ASP A 212 22.91 -14.56 -4.42
N THR A 213 22.62 -15.34 -3.40
CA THR A 213 21.58 -14.96 -2.44
C THR A 213 21.95 -13.80 -1.51
N GLU A 214 23.22 -13.38 -1.54
CA GLU A 214 23.70 -12.26 -0.73
C GLU A 214 23.69 -10.92 -1.45
N THR A 215 23.57 -10.95 -2.78
CA THR A 215 23.64 -9.73 -3.58
C THR A 215 22.43 -8.85 -3.28
N ARG A 216 22.67 -7.63 -2.83
CA ARG A 216 21.58 -6.67 -2.65
C ARG A 216 21.17 -6.17 -4.04
N ILE A 217 19.92 -6.41 -4.42
CA ILE A 217 19.41 -5.98 -5.71
C ILE A 217 18.32 -4.93 -5.46
N ILE A 218 18.48 -3.74 -6.03
CA ILE A 218 17.46 -2.70 -5.92
C ILE A 218 16.91 -2.35 -7.29
N TYR A 219 15.60 -2.39 -7.44
CA TYR A 219 15.03 -1.97 -8.72
C TYR A 219 14.06 -0.82 -8.55
N ARG A 220 13.85 -0.05 -9.61
CA ARG A 220 12.94 1.10 -9.50
C ARG A 220 11.64 0.79 -10.19
N THR A 221 10.54 1.26 -9.60
CA THR A 221 9.22 1.02 -10.14
C THR A 221 8.32 2.22 -9.81
N TYR A 222 7.01 2.04 -10.03
CA TYR A 222 6.02 3.12 -9.86
C TYR A 222 4.85 2.54 -9.10
N THR A 223 4.36 3.23 -8.08
CA THR A 223 3.23 2.76 -7.28
C THR A 223 2.24 3.89 -7.10
N GLY A 224 1.04 3.53 -6.65
CA GLY A 224 -0.01 4.52 -6.40
C GLY A 224 -0.31 5.33 -7.63
N MET A 225 -0.62 6.61 -7.45
CA MET A 225 -0.98 7.45 -8.61
C MET A 225 0.23 7.68 -9.53
N ARG A 226 1.44 7.57 -8.98
CA ARG A 226 2.64 7.64 -9.82
C ARG A 226 2.71 6.55 -10.90
N ALA A 227 1.92 5.48 -10.78
CA ALA A 227 1.85 4.44 -11.83
C ALA A 227 1.16 4.99 -13.08
N ILE A 228 0.62 6.20 -13.00
CA ILE A 228 0.11 6.83 -14.21
C ILE A 228 1.26 7.10 -15.21
N LEU A 229 2.48 7.20 -14.70
CA LEU A 229 3.63 7.62 -15.50
C LEU A 229 4.22 6.48 -16.33
N TYR A 230 4.15 5.25 -15.83
CA TYR A 230 4.96 4.16 -16.37
C TYR A 230 4.44 2.87 -15.74
N ALA A 231 4.41 1.80 -16.53
CA ALA A 231 3.92 0.48 -16.09
C ALA A 231 4.72 -0.06 -14.88
N PRO A 232 4.06 -0.37 -13.76
CA PRO A 232 4.82 -0.97 -12.64
C PRO A 232 5.46 -2.32 -13.02
N VAL A 233 6.61 -2.63 -12.44
CA VAL A 233 7.18 -3.98 -12.52
C VAL A 233 6.11 -4.94 -12.01
N SER A 234 5.82 -5.99 -12.76
CA SER A 234 4.74 -6.91 -12.39
C SER A 234 5.28 -7.99 -11.46
N ASP A 235 4.39 -8.63 -10.69
CA ASP A 235 4.78 -9.78 -9.86
C ASP A 235 5.46 -10.89 -10.66
N ASP A 236 4.97 -11.13 -11.86
CA ASP A 236 5.60 -12.08 -12.77
C ASP A 236 7.09 -11.77 -12.98
N ASP A 237 7.41 -10.49 -13.16
CA ASP A 237 8.79 -10.05 -13.44
C ASP A 237 9.83 -10.46 -12.42
N ILE A 238 9.42 -10.51 -11.15
CA ILE A 238 10.37 -10.74 -10.07
C ILE A 238 10.20 -12.12 -9.43
N THR A 239 9.61 -13.05 -10.17
CA THR A 239 9.57 -14.45 -9.72
C THR A 239 10.98 -15.01 -9.50
N GLY A 240 11.14 -15.73 -8.39
CA GLY A 240 12.44 -16.26 -7.99
C GLY A 240 13.24 -15.34 -7.08
N PHE A 241 12.68 -14.16 -6.78
CA PHE A 241 13.29 -13.23 -5.82
C PHE A 241 12.33 -12.99 -4.64
N ARG A 242 12.90 -12.62 -3.48
CA ARG A 242 12.08 -12.26 -2.30
C ARG A 242 12.23 -10.78 -2.02
N ARG A 243 11.12 -10.11 -1.73
CA ARG A 243 11.21 -8.70 -1.39
C ARG A 243 11.66 -8.52 0.06
N ALA A 244 12.55 -7.56 0.28
CA ALA A 244 13.16 -7.34 1.59
C ALA A 244 12.98 -5.93 2.16
N GLY A 245 12.53 -5.00 1.33
CA GLY A 245 12.34 -3.62 1.76
C GLY A 245 11.87 -2.76 0.61
N VAL A 246 11.27 -1.63 0.94
CA VAL A 246 10.79 -0.69 -0.07
C VAL A 246 10.98 0.75 0.44
N VAL A 247 11.23 1.69 -0.46
CA VAL A 247 11.09 3.12 -0.17
C VAL A 247 10.01 3.72 -1.11
N LEU A 248 8.93 4.23 -0.51
CA LEU A 248 7.88 4.90 -1.25
C LEU A 248 8.27 6.38 -1.36
N PRO A 249 8.10 6.99 -2.55
CA PRO A 249 8.54 8.37 -2.73
C PRO A 249 7.57 9.38 -2.11
N SER A 250 8.10 10.58 -1.83
CA SER A 250 7.27 11.68 -1.41
C SER A 250 7.79 12.91 -2.14
N GLY A 251 7.11 14.03 -1.96
CA GLY A 251 7.47 15.25 -2.68
C GLY A 251 7.32 15.03 -4.17
N LYS A 252 8.37 15.34 -4.92
CA LYS A 252 8.34 15.27 -6.39
C LYS A 252 9.03 14.03 -6.97
N VAL A 253 9.60 13.21 -6.11
CA VAL A 253 10.25 11.97 -6.54
C VAL A 253 9.19 11.05 -7.13
N ASN A 254 9.49 10.44 -8.28
CA ASN A 254 8.54 9.54 -8.94
C ASN A 254 8.70 8.06 -8.60
N ASN A 255 9.94 7.61 -8.47
CA ASN A 255 10.18 6.16 -8.35
C ASN A 255 10.01 5.64 -6.92
N THR A 256 9.44 4.44 -6.82
CA THR A 256 9.49 3.57 -5.66
C THR A 256 10.75 2.69 -5.86
N SER A 257 11.49 2.47 -4.79
CA SER A 257 12.70 1.62 -4.83
C SER A 257 12.44 0.33 -4.03
N VAL A 258 12.78 -0.82 -4.62
CA VAL A 258 12.48 -2.11 -3.99
C VAL A 258 13.78 -2.89 -3.80
N LEU A 259 14.02 -3.38 -2.60
CA LEU A 259 15.16 -4.26 -2.33
C LEU A 259 14.70 -5.70 -2.42
N VAL A 260 15.39 -6.49 -3.24
CA VAL A 260 15.10 -7.94 -3.37
C VAL A 260 16.37 -8.80 -3.27
N PHE A 261 16.18 -10.07 -2.91
CA PHE A 261 17.26 -11.04 -2.91
C PHE A 261 16.85 -12.25 -3.72
N LYS A 262 17.83 -12.88 -4.38
CA LYS A 262 17.57 -14.11 -5.07
C LYS A 262 17.19 -15.21 -4.05
N CYS A 263 16.24 -16.04 -4.38
CA CYS A 263 15.87 -17.16 -3.50
C CYS A 263 16.91 -18.31 -3.49
N PRO A 264 17.15 -18.94 -2.32
CA PRO A 264 16.52 -18.70 -1.01
C PRO A 264 17.26 -17.63 -0.20
N SER B 1 9.67 -17.13 -5.32
CA SER B 1 9.97 -16.59 -3.96
C SER B 1 9.94 -17.58 -2.77
N CYS B 2 10.34 -17.09 -1.60
CA CYS B 2 10.90 -17.93 -0.54
C CYS B 2 10.90 -17.23 0.82
N TYR B 3 9.74 -16.76 1.27
CA TYR B 3 9.63 -16.00 2.52
C TYR B 3 9.69 -16.89 3.75
N ILE B 4 10.54 -16.51 4.71
CA ILE B 4 10.64 -17.28 5.96
C ILE B 4 9.30 -17.29 6.72
N TYR B 5 8.52 -16.22 6.58
CA TYR B 5 7.17 -16.20 7.16
C TYR B 5 6.26 -17.34 6.70
N TRP B 6 6.44 -17.82 5.47
CA TRP B 6 5.63 -18.92 4.98
C TRP B 6 5.68 -20.12 5.92
N ASP B 7 6.89 -20.57 6.29
CA ASP B 7 6.97 -21.74 7.19
C ASP B 7 6.36 -21.46 8.57
N LYS B 8 6.63 -20.28 9.11
CA LYS B 8 6.10 -19.89 10.43
C LYS B 8 4.56 -19.89 10.39
N ILE B 9 4.00 -19.32 9.34
CA ILE B 9 2.55 -19.29 9.19
C ILE B 9 1.94 -20.68 9.03
N LYS B 10 2.58 -21.52 8.22
CA LYS B 10 2.10 -22.89 7.97
C LYS B 10 2.11 -23.69 9.27
N ARG B 11 3.16 -23.52 10.08
CA ARG B 11 3.24 -24.23 11.37
C ARG B 11 2.17 -23.77 12.35
N ILE B 12 1.92 -22.46 12.42
CA ILE B 12 0.79 -21.97 13.24
C ILE B 12 -0.51 -22.58 12.77
N ALA B 13 -0.72 -22.59 11.45
CA ALA B 13 -1.95 -23.15 10.91
C ALA B 13 -2.06 -24.63 11.23
N SER B 14 -0.95 -25.35 11.21
CA SER B 14 -0.97 -26.78 11.55
C SER B 14 -1.46 -26.98 13.01
N ARG B 15 -0.98 -26.13 13.91
CA ARG B 15 -1.37 -26.18 15.33
C ARG B 15 -2.85 -25.87 15.48
N LEU B 16 -3.32 -24.85 14.76
CA LEU B 16 -4.75 -24.51 14.74
C LEU B 16 -5.60 -25.69 14.23
N GLU B 17 -5.20 -26.28 13.11
CA GLU B 17 -5.88 -27.43 12.53
C GLU B 17 -5.98 -28.60 13.53
N GLY B 18 -4.89 -28.91 14.23
CA GLY B 18 -4.86 -30.02 15.21
C GLY B 18 -5.79 -29.73 16.37
N MET B 19 -5.81 -28.47 16.77
CA MET B 19 -6.66 -28.04 17.89
C MET B 19 -8.16 -28.17 17.53
N ASN B 20 -8.50 -27.75 16.30
CA ASN B 20 -9.89 -27.77 15.84
C ASN B 20 -10.38 -29.21 15.72
N TYR B 21 -9.46 -30.11 15.42
CA TYR B 21 -9.78 -31.55 15.32
C TYR B 21 -10.35 -32.05 16.64
N HIS B 22 -9.77 -31.61 17.75
CA HIS B 22 -10.18 -32.08 19.05
C HIS B 22 -11.33 -31.34 19.67
N PHE B 23 -11.41 -30.03 19.43
CA PHE B 23 -12.43 -29.19 20.06
C PHE B 23 -13.08 -28.20 19.08
N ASP B 24 -14.42 -28.22 19.03
CA ASP B 24 -15.19 -27.17 18.36
C ASP B 24 -15.29 -25.91 19.20
N GLU B 25 -15.26 -26.11 20.52
CA GLU B 25 -15.47 -25.05 21.48
C GLU B 25 -14.11 -24.43 21.84
N MET B 26 -13.95 -23.14 21.57
CA MET B 26 -12.69 -22.43 21.86
C MET B 26 -12.40 -22.33 23.34
N ASP B 27 -11.14 -22.61 23.73
CA ASP B 27 -10.66 -22.34 25.09
C ASP B 27 -9.92 -21.01 25.05
N THR B 28 -10.61 -19.93 25.41
CA THR B 28 -10.03 -18.60 25.19
C THR B 28 -8.73 -18.32 25.94
N SER B 29 -8.65 -18.71 27.22
CA SER B 29 -7.39 -18.49 27.94
C SER B 29 -6.26 -19.31 27.33
N GLY B 30 -6.55 -20.55 26.95
CA GLY B 30 -5.54 -21.47 26.43
C GLY B 30 -4.89 -21.05 25.12
N VAL B 31 -5.65 -20.31 24.29
CA VAL B 31 -5.20 -19.91 22.94
C VAL B 31 -4.61 -18.50 22.85
N MET B 32 -4.57 -17.79 23.98
CA MET B 32 -3.91 -16.47 23.99
C MET B 32 -2.46 -16.51 23.41
N PRO B 33 -1.62 -17.51 23.80
CA PRO B 33 -0.28 -17.60 23.15
C PRO B 33 -0.32 -17.68 21.62
N LEU B 34 -1.20 -18.52 21.07
CA LEU B 34 -1.40 -18.57 19.61
C LEU B 34 -1.79 -17.20 19.05
N LEU B 35 -2.72 -16.53 19.70
CA LEU B 35 -3.11 -15.20 19.23
C LEU B 35 -1.90 -14.29 19.23
N ASP B 36 -1.09 -14.32 20.29
CA ASP B 36 0.06 -13.42 20.35
C ASP B 36 1.10 -13.73 19.26
N GLU B 37 1.31 -15.02 18.96
CA GLU B 37 2.24 -15.39 17.89
C GLU B 37 1.73 -14.83 16.57
N ILE B 38 0.40 -14.86 16.36
CA ILE B 38 -0.18 -14.35 15.12
C ILE B 38 -0.04 -12.81 15.06
N GLU B 39 -0.31 -12.15 16.18
CA GLU B 39 -0.27 -10.67 16.21
C GLU B 39 1.16 -10.15 16.08
N GLU B 40 2.14 -10.89 16.57
CA GLU B 40 3.54 -10.51 16.37
C GLU B 40 3.88 -10.45 14.88
N ILE B 41 3.35 -11.38 14.10
CA ILE B 41 3.50 -11.36 12.64
C ILE B 41 2.70 -10.18 12.06
N ALA B 42 1.43 -10.07 12.45
CA ALA B 42 0.57 -9.01 11.94
C ALA B 42 1.18 -7.61 12.17
N HIS B 43 1.77 -7.42 13.34
CA HIS B 43 2.29 -6.10 13.74
C HIS B 43 3.72 -5.84 13.34
N ASP B 44 4.30 -6.76 12.58
CA ASP B 44 5.67 -6.58 12.10
C ASP B 44 5.75 -5.34 11.21
N SER B 45 6.30 -4.27 11.75
CA SER B 45 6.26 -2.98 11.08
C SER B 45 7.27 -2.87 9.92
N THR B 46 8.21 -3.81 9.85
CA THR B 46 9.23 -3.77 8.79
C THR B 46 8.64 -4.10 7.42
N ILE B 47 7.49 -4.77 7.41
CA ILE B 47 6.94 -5.24 6.13
C ILE B 47 5.96 -4.29 5.46
N ASP B 48 6.35 -3.84 4.27
CA ASP B 48 5.55 -2.95 3.48
C ASP B 48 4.32 -3.66 2.93
N PHE B 49 3.32 -2.87 2.53
CA PHE B 49 2.01 -3.41 2.13
C PHE B 49 2.10 -4.32 0.93
N GLU B 50 2.88 -3.92 -0.08
CA GLU B 50 3.02 -4.75 -1.29
C GLU B 50 3.68 -6.09 -1.00
N SER B 51 4.72 -6.08 -0.17
CA SER B 51 5.38 -7.31 0.28
C SER B 51 4.42 -8.19 1.07
N ALA B 52 3.59 -7.58 1.92
CA ALA B 52 2.56 -8.31 2.67
C ALA B 52 1.66 -9.11 1.75
N LYS B 53 1.23 -8.51 0.63
CA LYS B 53 0.39 -9.23 -0.33
C LYS B 53 1.17 -10.40 -0.96
N HIS B 54 2.43 -10.15 -1.31
CA HIS B 54 3.27 -11.19 -1.87
C HIS B 54 3.41 -12.37 -0.93
N ILE B 55 3.55 -12.11 0.37
CA ILE B 55 3.63 -13.24 1.28
C ILE B 55 2.28 -13.84 1.61
N LEU B 56 1.27 -13.01 1.93
CA LEU B 56 -0.01 -13.57 2.43
C LEU B 56 -0.89 -14.17 1.35
N ASP B 57 -0.87 -13.58 0.15
CA ASP B 57 -1.81 -13.97 -0.89
C ASP B 57 -1.26 -15.01 -1.88
N ASP B 58 -0.08 -15.52 -1.59
CA ASP B 58 0.53 -16.55 -2.41
C ASP B 58 -0.37 -17.77 -2.38
N ALA B 59 -0.54 -18.43 -3.53
CA ALA B 59 -1.46 -19.57 -3.65
C ALA B 59 -1.24 -20.66 -2.59
N GLU B 60 0.01 -20.88 -2.23
CA GLU B 60 0.35 -21.99 -1.33
C GLU B 60 0.07 -21.64 0.14
N MET B 61 -0.28 -20.38 0.39
CA MET B 61 -0.67 -19.87 1.72
C MET B 61 -2.18 -19.90 1.93
N ASN B 62 -2.95 -20.21 0.90
CA ASN B 62 -4.40 -20.10 1.01
C ASN B 62 -5.01 -20.86 2.17
N HIS B 63 -4.57 -22.11 2.31
CA HIS B 63 -5.17 -23.01 3.30
C HIS B 63 -4.82 -22.54 4.72
N ALA B 64 -3.55 -22.20 4.92
CA ALA B 64 -3.06 -21.72 6.23
C ALA B 64 -3.72 -20.41 6.60
N LEU B 65 -3.78 -19.51 5.62
CA LEU B 65 -4.40 -18.20 5.83
C LEU B 65 -5.87 -18.33 6.27
N SER B 66 -6.62 -19.20 5.60
CA SER B 66 -8.02 -19.46 5.95
C SER B 66 -8.14 -19.96 7.40
N LEU B 67 -7.20 -20.81 7.84
CA LEU B 67 -7.26 -21.34 9.23
C LEU B 67 -7.04 -20.24 10.26
N ILE B 68 -6.06 -19.38 9.98
CA ILE B 68 -5.70 -18.31 10.88
C ILE B 68 -6.84 -17.30 10.97
N ARG B 69 -7.43 -16.95 9.83
CA ARG B 69 -8.54 -16.01 9.81
C ARG B 69 -9.80 -16.52 10.56
N LYS B 70 -10.10 -17.81 10.40
CA LYS B 70 -11.22 -18.44 11.10
C LYS B 70 -10.97 -18.42 12.61
N PHE B 71 -9.74 -18.70 13.00
CA PHE B 71 -9.31 -18.64 14.41
C PHE B 71 -9.52 -17.25 15.00
N TYR B 72 -9.04 -16.24 14.27
CA TYR B 72 -9.19 -14.86 14.73
C TYR B 72 -10.65 -14.49 14.91
N VAL B 73 -11.50 -14.81 13.95
CA VAL B 73 -12.94 -14.53 14.08
C VAL B 73 -13.57 -15.24 15.28
N ASN B 74 -13.33 -16.55 15.40
CA ASN B 74 -13.96 -17.35 16.45
C ASN B 74 -13.46 -16.94 17.84
N LEU B 75 -12.18 -16.64 17.96
CA LEU B 75 -11.61 -16.18 19.23
C LEU B 75 -12.22 -14.84 19.60
N GLY B 76 -12.24 -13.90 18.66
CA GLY B 76 -12.77 -12.56 18.95
C GLY B 76 -14.21 -12.63 19.41
N MET B 77 -14.99 -13.51 18.77
CA MET B 77 -16.41 -13.65 19.09
C MET B 77 -16.56 -14.25 20.48
N LYS B 78 -15.76 -15.28 20.78
CA LYS B 78 -15.87 -15.94 22.08
C LYS B 78 -15.41 -14.99 23.22
N LEU B 79 -14.34 -14.25 22.98
CA LEU B 79 -13.90 -13.25 23.95
C LEU B 79 -15.00 -12.22 24.21
N GLN B 80 -15.67 -11.75 23.15
CA GLN B 80 -16.81 -10.83 23.31
C GLN B 80 -17.97 -11.43 24.10
N MET B 81 -18.30 -12.68 23.81
CA MET B 81 -19.39 -13.40 24.50
C MET B 81 -19.09 -13.49 25.99
N GLU B 82 -17.87 -13.92 26.28
CA GLU B 82 -17.43 -14.10 27.66
C GLU B 82 -17.38 -12.78 28.43
N LYS B 83 -16.86 -11.75 27.78
CA LYS B 83 -16.76 -10.43 28.45
C LYS B 83 -18.15 -9.80 28.66
N ALA B 84 -19.03 -9.94 27.67
CA ALA B 84 -20.41 -9.46 27.81
C ALA B 84 -21.04 -10.02 29.08
N GLN B 85 -20.93 -11.35 29.27
CA GLN B 85 -21.56 -11.96 30.44
C GLN B 85 -20.90 -11.49 31.73
N GLU B 86 -19.58 -11.38 31.72
CA GLU B 86 -18.83 -10.86 32.86
C GLU B 86 -19.31 -9.46 33.26
N VAL B 87 -19.50 -8.59 32.27
CA VAL B 87 -19.96 -7.22 32.51
C VAL B 87 -21.34 -7.24 33.16
N ILE B 88 -22.23 -8.05 32.61
CA ILE B 88 -23.59 -8.17 33.11
C ILE B 88 -23.58 -8.62 34.57
N GLU B 89 -22.67 -9.52 34.94
CA GLU B 89 -22.66 -10.06 36.30
C GLU B 89 -21.89 -9.21 37.31
N SER B 90 -21.09 -8.25 36.83
CA SER B 90 -20.11 -7.55 37.67
C SER B 90 -20.73 -6.44 38.51
N ASP B 91 -20.29 -6.35 39.77
CA ASP B 91 -20.59 -5.19 40.62
C ASP B 91 -19.79 -3.94 40.21
N SER B 92 -18.77 -4.13 39.37
CA SER B 92 -17.98 -2.99 38.89
C SER B 92 -17.85 -3.12 37.39
N PRO B 93 -18.94 -2.83 36.67
CA PRO B 93 -19.00 -3.18 35.23
C PRO B 93 -18.02 -2.44 34.32
N TRP B 94 -17.67 -1.19 34.67
CA TRP B 94 -16.70 -0.46 33.84
C TRP B 94 -15.30 -1.03 34.01
N GLU B 95 -14.93 -1.35 35.24
CA GLU B 95 -13.64 -1.98 35.50
C GLU B 95 -13.58 -3.31 34.75
N THR B 96 -14.65 -4.08 34.80
CA THR B 96 -14.74 -5.34 34.05
C THR B 96 -14.57 -5.12 32.53
N LEU B 97 -15.28 -4.13 32.00
CA LEU B 97 -15.20 -3.83 30.56
C LEU B 97 -13.80 -3.44 30.15
N ARG B 98 -13.15 -2.60 30.96
CA ARG B 98 -11.80 -2.17 30.62
C ARG B 98 -10.77 -3.31 30.60
N SER B 99 -11.12 -4.44 31.23
CA SER B 99 -10.25 -5.61 31.27
C SER B 99 -10.31 -6.44 29.99
N PHE B 100 -11.26 -6.12 29.11
CA PHE B 100 -11.38 -6.79 27.82
C PHE B 100 -10.01 -6.72 27.14
N TYR B 101 -9.56 -7.84 26.58
CA TYR B 101 -8.18 -7.91 26.09
C TYR B 101 -7.84 -6.77 25.13
N PHE B 102 -8.79 -6.46 24.25
CA PHE B 102 -8.59 -5.49 23.18
C PHE B 102 -9.00 -4.04 23.51
N TYR B 103 -9.49 -3.81 24.72
CA TYR B 103 -10.08 -2.51 25.08
C TYR B 103 -9.30 -1.24 24.68
N PRO B 104 -8.00 -1.12 25.05
CA PRO B 104 -7.34 0.19 24.77
C PRO B 104 -7.22 0.46 23.28
N ARG B 105 -7.19 -0.61 22.47
CA ARG B 105 -7.17 -0.47 21.02
C ARG B 105 -8.40 0.24 20.48
N TYR B 106 -9.55 0.00 21.09
CA TYR B 106 -10.78 0.64 20.65
C TYR B 106 -10.70 2.14 20.87
N LEU B 107 -10.11 2.56 21.99
CA LEU B 107 -9.96 3.99 22.30
C LEU B 107 -9.12 4.68 21.22
N GLU B 108 -8.02 4.05 20.83
CA GLU B 108 -7.14 4.63 19.83
C GLU B 108 -7.83 4.62 18.44
N LEU B 109 -8.42 3.48 18.09
CA LEU B 109 -9.12 3.31 16.83
C LEU B 109 -10.25 4.34 16.68
N LEU B 110 -11.07 4.49 17.72
CA LEU B 110 -12.19 5.42 17.67
C LEU B 110 -11.72 6.86 17.58
N LYS B 111 -10.63 7.20 18.27
CA LYS B 111 -10.05 8.54 18.15
C LYS B 111 -9.77 8.86 16.69
N ASN B 112 -9.09 7.93 16.01
CA ASN B 112 -8.74 7.97 14.59
C ASN B 112 -10.00 8.26 13.75
N GLU B 113 -11.03 7.47 14.01
CA GLU B 113 -12.25 7.49 13.22
C GLU B 113 -13.05 8.76 13.42
N ALA B 114 -13.04 9.25 14.65
CA ALA B 114 -13.75 10.51 14.99
C ALA B 114 -13.15 11.70 14.25
N ALA B 115 -11.83 11.68 14.07
CA ALA B 115 -11.14 12.73 13.31
C ALA B 115 -11.47 12.56 11.85
N LEU B 116 -11.35 11.32 11.35
CA LEU B 116 -11.66 11.00 9.94
C LEU B 116 -13.11 11.35 9.57
N GLY B 117 -14.04 11.03 10.46
CA GLY B 117 -15.45 11.27 10.18
C GLY B 117 -15.96 12.61 10.70
N ARG B 118 -15.09 13.40 11.35
CA ARG B 118 -15.48 14.68 11.94
C ARG B 118 -16.71 14.50 12.84
N PHE B 119 -16.65 13.52 13.75
CA PHE B 119 -17.78 13.26 14.66
C PHE B 119 -18.04 14.48 15.53
N ARG B 120 -19.31 14.79 15.74
CA ARG B 120 -19.73 15.91 16.58
C ARG B 120 -20.75 15.39 17.58
N ARG B 121 -20.70 15.91 18.81
CA ARG B 121 -21.68 15.52 19.83
C ARG B 121 -23.10 15.79 19.35
N GLY B 122 -24.01 14.87 19.65
CA GLY B 122 -25.40 14.93 19.23
C GLY B 122 -25.72 14.39 17.85
N GLU B 123 -24.71 14.17 17.02
CA GLU B 123 -24.95 13.58 15.70
C GLU B 123 -25.43 12.16 15.86
N ARG B 124 -26.23 11.69 14.91
CA ARG B 124 -26.78 10.32 14.92
C ARG B 124 -25.86 9.38 14.18
N ALA B 125 -25.49 8.28 14.84
CA ALA B 125 -24.60 7.29 14.26
C ALA B 125 -25.30 5.92 14.24
N VAL B 126 -25.12 5.18 13.16
CA VAL B 126 -25.55 3.79 13.10
C VAL B 126 -24.33 2.91 12.93
N PHE B 127 -24.26 1.86 13.73
CA PHE B 127 -23.12 0.96 13.68
C PHE B 127 -23.65 -0.40 13.32
N ILE B 128 -23.24 -0.89 12.14
CA ILE B 128 -23.71 -2.19 11.66
C ILE B 128 -22.77 -3.31 12.09
N GLY B 129 -23.29 -4.21 12.95
CA GLY B 129 -22.55 -5.40 13.40
C GLY B 129 -22.03 -5.32 14.83
N GLY B 130 -22.90 -4.93 15.78
CA GLY B 130 -22.48 -4.74 17.19
C GLY B 130 -21.83 -5.92 17.90
N GLY B 131 -22.29 -7.14 17.61
CA GLY B 131 -21.78 -8.34 18.30
C GLY B 131 -22.27 -8.40 19.74
N PRO B 132 -21.74 -9.35 20.52
CA PRO B 132 -22.19 -9.45 21.92
C PRO B 132 -21.73 -8.29 22.79
N LEU B 133 -20.57 -7.72 22.45
CA LEU B 133 -19.98 -6.63 23.24
C LEU B 133 -19.89 -5.39 22.32
N PRO B 134 -20.90 -4.51 22.41
CA PRO B 134 -21.05 -3.42 21.46
C PRO B 134 -20.19 -2.21 21.84
N LEU B 135 -18.88 -2.45 21.93
CA LEU B 135 -17.95 -1.50 22.51
C LEU B 135 -17.89 -0.21 21.70
N THR B 136 -17.87 -0.34 20.36
CA THR B 136 -17.80 0.87 19.55
C THR B 136 -19.04 1.74 19.79
N GLY B 137 -20.22 1.12 19.77
CA GLY B 137 -21.46 1.86 20.03
C GLY B 137 -21.43 2.53 21.41
N ILE B 138 -20.99 1.77 22.40
CA ILE B 138 -20.90 2.28 23.79
C ILE B 138 -19.99 3.52 23.80
N LEU B 139 -18.84 3.42 23.16
CA LEU B 139 -17.88 4.54 23.13
C LEU B 139 -18.37 5.74 22.32
N LEU B 140 -19.10 5.49 21.23
CA LEU B 140 -19.63 6.60 20.45
C LEU B 140 -20.55 7.49 21.29
N SER B 141 -21.29 6.88 22.20
CA SER B 141 -22.09 7.65 23.15
C SER B 141 -21.27 8.19 24.33
N HIS B 142 -20.59 7.29 25.02
CA HIS B 142 -19.91 7.59 26.28
C HIS B 142 -18.82 8.65 26.11
N VAL B 143 -18.02 8.50 25.06
CA VAL B 143 -16.91 9.43 24.77
C VAL B 143 -17.35 10.55 23.82
N TYR B 144 -18.00 10.20 22.71
CA TYR B 144 -18.26 11.18 21.62
C TYR B 144 -19.62 11.87 21.69
N GLY B 145 -20.49 11.41 22.59
CA GLY B 145 -21.82 12.02 22.80
C GLY B 145 -22.73 11.94 21.58
N MET B 146 -22.55 10.89 20.77
CA MET B 146 -23.39 10.65 19.63
C MET B 146 -24.62 9.88 20.07
N ARG B 147 -25.70 10.01 19.30
CA ARG B 147 -26.91 9.25 19.54
C ARG B 147 -26.82 8.02 18.64
N VAL B 148 -26.73 6.85 19.26
CA VAL B 148 -26.26 5.67 18.55
C VAL B 148 -27.34 4.59 18.41
N ASN B 149 -27.49 4.06 17.19
CA ASN B 149 -28.20 2.81 16.95
C ASN B 149 -27.18 1.76 16.56
N VAL B 150 -27.14 0.67 17.31
CA VAL B 150 -26.26 -0.47 16.97
C VAL B 150 -27.13 -1.55 16.35
N VAL B 151 -26.71 -2.10 15.22
CA VAL B 151 -27.52 -3.11 14.53
C VAL B 151 -26.86 -4.49 14.67
N GLU B 152 -27.67 -5.49 15.05
CA GLU B 152 -27.12 -6.84 15.27
C GLU B 152 -28.13 -7.84 14.70
N ILE B 153 -27.63 -8.77 13.88
CA ILE B 153 -28.51 -9.68 13.13
C ILE B 153 -29.00 -10.88 13.94
N GLU B 154 -28.24 -11.29 14.95
CA GLU B 154 -28.62 -12.46 15.74
C GLU B 154 -29.42 -12.02 16.97
N PRO B 155 -30.70 -12.42 17.05
CA PRO B 155 -31.54 -11.91 18.14
C PRO B 155 -30.97 -12.15 19.54
N ASP B 156 -30.41 -13.33 19.80
CA ASP B 156 -29.86 -13.59 21.14
C ASP B 156 -28.60 -12.79 21.48
N ILE B 157 -27.81 -12.50 20.45
CA ILE B 157 -26.62 -11.66 20.59
C ILE B 157 -27.06 -10.20 20.83
N ALA B 158 -28.04 -9.75 20.06
CA ALA B 158 -28.63 -8.42 20.27
C ALA B 158 -29.12 -8.26 21.72
N GLU B 159 -29.79 -9.29 22.23
CA GLU B 159 -30.35 -9.26 23.57
C GLU B 159 -29.24 -9.11 24.60
N LEU B 160 -28.19 -9.89 24.43
CA LEU B 160 -27.01 -9.85 25.29
C LEU B 160 -26.41 -8.45 25.30
N SER B 161 -26.26 -7.89 24.10
CA SER B 161 -25.63 -6.57 23.99
C SER B 161 -26.46 -5.49 24.71
N ARG B 162 -27.79 -5.61 24.64
CA ARG B 162 -28.65 -4.67 25.37
C ARG B 162 -28.43 -4.74 26.88
N LYS B 163 -28.28 -5.96 27.40
CA LYS B 163 -28.00 -6.15 28.83
C LYS B 163 -26.62 -5.56 29.21
N VAL B 164 -25.63 -5.65 28.30
CA VAL B 164 -24.32 -5.05 28.55
C VAL B 164 -24.50 -3.52 28.67
N ILE B 165 -25.17 -2.92 27.70
CA ILE B 165 -25.42 -1.46 27.72
C ILE B 165 -26.16 -1.05 29.01
N GLU B 166 -27.17 -1.85 29.40
CA GLU B 166 -27.95 -1.53 30.60
C GLU B 166 -27.04 -1.66 31.83
N GLY B 167 -26.22 -2.71 31.86
CA GLY B 167 -25.32 -2.95 32.99
C GLY B 167 -24.34 -1.81 33.22
N LEU B 168 -23.85 -1.21 32.14
CA LEU B 168 -22.90 -0.10 32.21
C LEU B 168 -23.53 1.26 32.49
N GLY B 169 -24.85 1.31 32.43
CA GLY B 169 -25.60 2.55 32.63
C GLY B 169 -25.38 3.57 31.53
N VAL B 170 -25.09 3.10 30.31
CA VAL B 170 -24.81 4.02 29.20
C VAL B 170 -26.12 4.41 28.51
N ASP B 171 -26.35 5.72 28.38
CA ASP B 171 -27.50 6.25 27.66
C ASP B 171 -27.14 6.48 26.20
N GLY B 172 -28.15 6.67 25.35
CA GLY B 172 -27.90 7.09 23.98
C GLY B 172 -27.45 5.96 23.06
N VAL B 173 -27.63 4.71 23.50
CA VAL B 173 -27.26 3.55 22.68
C VAL B 173 -28.43 2.56 22.64
N ASN B 174 -29.04 2.44 21.46
CA ASN B 174 -30.17 1.56 21.22
C ASN B 174 -29.68 0.41 20.34
N VAL B 175 -30.18 -0.80 20.58
CA VAL B 175 -29.82 -1.90 19.73
C VAL B 175 -31.03 -2.32 18.89
N ILE B 176 -30.79 -2.38 17.59
CA ILE B 176 -31.78 -2.80 16.60
C ILE B 176 -31.44 -4.22 16.17
N THR B 177 -32.44 -5.08 16.24
CA THR B 177 -32.27 -6.47 15.80
C THR B 177 -32.67 -6.53 14.34
N GLY B 178 -31.71 -6.86 13.50
CA GLY B 178 -32.00 -6.99 12.07
C GLY B 178 -30.73 -6.94 11.24
N ASP B 179 -30.88 -7.01 9.93
CA ASP B 179 -29.71 -6.86 9.06
C ASP B 179 -29.55 -5.39 8.65
N GLU B 180 -28.56 -5.09 7.81
CA GLU B 180 -28.22 -3.71 7.44
C GLU B 180 -29.37 -2.94 6.80
N THR B 181 -30.34 -3.68 6.28
CA THR B 181 -31.49 -3.16 5.61
C THR B 181 -32.41 -2.29 6.55
N VAL B 182 -32.24 -2.47 7.86
CA VAL B 182 -32.97 -1.65 8.83
C VAL B 182 -32.62 -0.16 8.69
N ILE B 183 -31.50 0.17 8.05
CA ILE B 183 -31.13 1.60 7.94
C ILE B 183 -32.13 2.39 7.10
N ASP B 184 -32.89 1.71 6.26
CA ASP B 184 -33.96 2.36 5.47
C ASP B 184 -34.92 3.13 6.41
N GLY B 185 -35.12 2.56 7.60
CA GLY B 185 -36.07 3.09 8.58
C GLY B 185 -35.52 4.02 9.65
N LEU B 186 -34.25 4.40 9.51
CA LEU B 186 -33.56 5.21 10.53
C LEU B 186 -33.02 6.49 9.95
N GLU B 187 -33.00 7.53 10.78
CA GLU B 187 -32.29 8.76 10.48
C GLU B 187 -30.87 8.64 11.03
N PHE B 188 -29.88 9.04 10.24
CA PHE B 188 -28.50 9.01 10.72
C PHE B 188 -27.61 9.94 9.90
N ASP B 189 -26.62 10.51 10.57
CA ASP B 189 -25.61 11.37 9.93
C ASP B 189 -24.38 10.57 9.52
N VAL B 190 -24.03 9.58 10.34
CA VAL B 190 -22.84 8.75 10.05
C VAL B 190 -23.21 7.28 10.15
N LEU B 191 -22.60 6.47 9.29
CA LEU B 191 -22.82 5.04 9.28
C LEU B 191 -21.46 4.36 9.40
N MET B 192 -21.35 3.39 10.30
CA MET B 192 -20.08 2.63 10.44
C MET B 192 -20.35 1.15 10.20
N VAL B 193 -19.44 0.50 9.49
CA VAL B 193 -19.56 -0.93 9.20
C VAL B 193 -18.49 -1.69 9.99
N ALA B 194 -18.91 -2.59 10.87
CA ALA B 194 -17.99 -3.33 11.74
C ALA B 194 -16.95 -4.12 10.92
N ALA B 195 -15.77 -4.33 11.52
CA ALA B 195 -14.70 -5.06 10.82
C ALA B 195 -15.19 -6.43 10.34
N LEU B 196 -16.00 -7.09 11.18
CA LEU B 196 -16.41 -8.46 10.89
C LEU B 196 -17.85 -8.59 10.36
N ALA B 197 -18.47 -7.46 10.00
CA ALA B 197 -19.83 -7.49 9.43
C ALA B 197 -19.79 -8.14 8.05
N GLU B 198 -20.61 -9.17 7.83
CA GLU B 198 -20.53 -9.92 6.56
C GLU B 198 -21.94 -10.24 6.06
N PRO B 199 -22.08 -10.54 4.74
CA PRO B 199 -21.07 -10.50 3.70
C PRO B 199 -20.85 -9.06 3.23
N LYS B 200 -19.59 -8.68 3.03
CA LYS B 200 -19.25 -7.32 2.63
C LYS B 200 -20.02 -6.85 1.39
N ARG B 201 -20.01 -7.68 0.34
CA ARG B 201 -20.59 -7.24 -0.92
C ARG B 201 -22.06 -6.86 -0.73
N ARG B 202 -22.82 -7.75 -0.08
CA ARG B 202 -24.24 -7.50 0.21
C ARG B 202 -24.43 -6.27 1.10
N VAL B 203 -23.62 -6.18 2.15
CA VAL B 203 -23.76 -5.06 3.08
C VAL B 203 -23.59 -3.72 2.36
N PHE B 204 -22.55 -3.59 1.53
CA PHE B 204 -22.37 -2.33 0.81
C PHE B 204 -23.42 -2.06 -0.27
N ARG B 205 -23.92 -3.12 -0.93
CA ARG B 205 -24.99 -2.92 -1.91
C ARG B 205 -26.25 -2.39 -1.23
N ASN B 206 -26.59 -2.96 -0.08
CA ASN B 206 -27.76 -2.51 0.70
C ASN B 206 -27.56 -1.10 1.24
N ILE B 207 -26.36 -0.81 1.74
CA ILE B 207 -26.04 0.54 2.19
C ILE B 207 -26.29 1.52 1.03
N HIS B 208 -25.76 1.18 -0.16
CA HIS B 208 -25.87 2.03 -1.33
C HIS B 208 -27.33 2.41 -1.64
N ARG B 209 -28.24 1.46 -1.57
CA ARG B 209 -29.67 1.69 -1.78
C ARG B 209 -30.24 2.77 -0.88
N TYR B 210 -29.75 2.85 0.37
CA TYR B 210 -30.45 3.59 1.42
C TYR B 210 -29.80 4.86 1.93
N VAL B 211 -28.55 5.11 1.56
CA VAL B 211 -27.89 6.32 2.06
C VAL B 211 -27.96 7.37 0.96
N ASP B 212 -27.59 8.61 1.30
CA ASP B 212 -27.43 9.63 0.27
C ASP B 212 -25.97 10.04 0.14
N THR B 213 -25.71 10.97 -0.77
CA THR B 213 -24.32 11.37 -1.10
C THR B 213 -23.64 12.16 0.02
N GLU B 214 -24.38 12.60 1.03
CA GLU B 214 -23.80 13.36 2.14
C GLU B 214 -23.47 12.51 3.37
N THR B 215 -24.00 11.29 3.39
CA THR B 215 -23.83 10.41 4.54
C THR B 215 -22.36 10.04 4.66
N ARG B 216 -21.75 10.32 5.83
CA ARG B 216 -20.38 9.85 6.07
C ARG B 216 -20.43 8.37 6.44
N ILE B 217 -19.69 7.56 5.70
CA ILE B 217 -19.69 6.10 5.89
C ILE B 217 -18.25 5.72 6.20
N ILE B 218 -18.04 5.11 7.37
CA ILE B 218 -16.73 4.58 7.72
C ILE B 218 -16.79 3.07 7.80
N TYR B 219 -15.86 2.40 7.13
CA TYR B 219 -15.76 0.96 7.32
C TYR B 219 -14.39 0.52 7.82
N ARG B 220 -14.35 -0.64 8.47
CA ARG B 220 -13.10 -1.17 9.01
C ARG B 220 -12.61 -2.31 8.12
N THR B 221 -11.31 -2.32 7.88
CA THR B 221 -10.68 -3.33 7.04
C THR B 221 -9.30 -3.69 7.59
N TYR B 222 -8.55 -4.48 6.83
CA TYR B 222 -7.25 -5.00 7.22
C TYR B 222 -6.29 -4.82 6.07
N THR B 223 -5.16 -4.19 6.35
CA THR B 223 -4.14 -3.93 5.33
C THR B 223 -2.77 -4.39 5.79
N GLY B 224 -1.84 -4.50 4.84
CA GLY B 224 -0.48 -4.92 5.19
C GLY B 224 -0.54 -6.30 5.83
N MET B 225 0.37 -6.53 6.76
CA MET B 225 0.45 -7.85 7.38
C MET B 225 -0.70 -8.11 8.34
N ARG B 226 -1.43 -7.06 8.71
CA ARG B 226 -2.65 -7.26 9.51
C ARG B 226 -3.74 -8.01 8.74
N ALA B 227 -3.63 -8.07 7.40
CA ALA B 227 -4.50 -8.93 6.59
C ALA B 227 -4.34 -10.43 6.93
N ILE B 228 -3.34 -10.78 7.74
CA ILE B 228 -3.25 -12.20 8.19
C ILE B 228 -4.46 -12.54 9.06
N LEU B 229 -5.02 -11.52 9.68
CA LEU B 229 -6.13 -11.70 10.62
C LEU B 229 -7.48 -11.95 9.94
N TYR B 230 -7.69 -11.33 8.80
CA TYR B 230 -9.00 -11.32 8.16
C TYR B 230 -8.89 -10.77 6.74
N ALA B 231 -9.77 -11.26 5.87
CA ALA B 231 -9.90 -10.80 4.48
C ALA B 231 -10.29 -9.31 4.39
N PRO B 232 -9.53 -8.52 3.62
CA PRO B 232 -9.83 -7.08 3.43
C PRO B 232 -11.13 -6.85 2.67
N VAL B 233 -11.73 -5.67 2.86
CA VAL B 233 -12.83 -5.20 2.02
C VAL B 233 -12.19 -4.88 0.67
N SER B 234 -12.72 -5.49 -0.38
CA SER B 234 -12.14 -5.31 -1.71
C SER B 234 -12.71 -4.07 -2.38
N ASP B 235 -12.00 -3.55 -3.38
CA ASP B 235 -12.50 -2.39 -4.09
C ASP B 235 -13.80 -2.73 -4.81
N ASP B 236 -13.95 -3.98 -5.27
CA ASP B 236 -15.22 -4.38 -5.86
C ASP B 236 -16.40 -4.28 -4.88
N ASP B 237 -16.15 -4.61 -3.62
CA ASP B 237 -17.15 -4.52 -2.53
C ASP B 237 -17.74 -3.10 -2.44
N ILE B 238 -16.92 -2.08 -2.72
CA ILE B 238 -17.35 -0.68 -2.54
C ILE B 238 -17.65 0.02 -3.87
N THR B 239 -18.01 -0.75 -4.89
CA THR B 239 -18.49 -0.16 -6.16
C THR B 239 -19.68 0.76 -5.87
N GLY B 240 -19.65 1.96 -6.44
CA GLY B 240 -20.74 2.91 -6.23
C GLY B 240 -20.44 3.91 -5.12
N PHE B 241 -19.27 3.73 -4.49
CA PHE B 241 -18.73 4.63 -3.48
C PHE B 241 -17.36 5.18 -3.86
N ARG B 242 -17.00 6.34 -3.33
CA ARG B 242 -15.63 6.86 -3.53
C ARG B 242 -14.92 7.00 -2.19
N ARG B 243 -13.64 6.62 -2.15
CA ARG B 243 -12.86 6.75 -0.93
C ARG B 243 -12.51 8.21 -0.73
N ALA B 244 -12.59 8.66 0.51
CA ALA B 244 -12.39 10.07 0.82
C ALA B 244 -11.45 10.26 2.01
N GLY B 245 -10.87 9.18 2.50
CA GLY B 245 -9.95 9.28 3.64
C GLY B 245 -9.65 7.87 4.14
N VAL B 246 -8.46 7.70 4.69
CA VAL B 246 -8.04 6.41 5.25
C VAL B 246 -7.15 6.67 6.45
N VAL B 247 -7.37 5.92 7.52
CA VAL B 247 -6.43 5.91 8.64
C VAL B 247 -5.79 4.51 8.75
N LEU B 248 -4.47 4.46 8.61
CA LEU B 248 -3.71 3.22 8.82
C LEU B 248 -3.36 3.07 10.30
N PRO B 249 -3.53 1.86 10.85
CA PRO B 249 -3.25 1.69 12.28
C PRO B 249 -1.77 1.61 12.60
N SER B 250 -1.45 1.85 13.87
CA SER B 250 -0.12 1.61 14.40
C SER B 250 -0.24 1.04 15.79
N GLY B 251 0.90 0.79 16.44
CA GLY B 251 0.90 0.12 17.74
C GLY B 251 0.23 -1.24 17.60
N LYS B 252 -0.72 -1.52 18.48
CA LYS B 252 -1.42 -2.80 18.50
C LYS B 252 -2.76 -2.79 17.76
N VAL B 253 -3.18 -1.62 17.31
CA VAL B 253 -4.45 -1.50 16.62
C VAL B 253 -4.42 -2.33 15.36
N ASN B 254 -5.47 -3.11 15.12
CA ASN B 254 -5.54 -3.95 13.93
C ASN B 254 -6.23 -3.37 12.69
N ASN B 255 -7.32 -2.62 12.91
CA ASN B 255 -8.15 -2.18 11.78
C ASN B 255 -7.63 -0.90 11.11
N THR B 256 -7.75 -0.91 9.78
CA THR B 256 -7.68 0.29 8.94
C THR B 256 -9.09 0.81 8.81
N SER B 257 -9.24 2.14 8.86
CA SER B 257 -10.56 2.76 8.80
C SER B 257 -10.63 3.56 7.50
N VAL B 258 -11.70 3.39 6.73
CA VAL B 258 -11.85 4.07 5.44
C VAL B 258 -13.14 4.89 5.45
N LEU B 259 -13.05 6.16 5.04
CA LEU B 259 -14.23 6.98 4.84
C LEU B 259 -14.63 6.91 3.36
N VAL B 260 -15.89 6.66 3.10
CA VAL B 260 -16.40 6.69 1.72
C VAL B 260 -17.69 7.50 1.67
N PHE B 261 -18.03 7.96 0.48
CA PHE B 261 -19.32 8.58 0.20
C PHE B 261 -19.93 7.93 -1.01
N LYS B 262 -21.25 7.81 -1.00
CA LYS B 262 -21.98 7.23 -2.13
C LYS B 262 -21.81 8.18 -3.31
N CYS B 263 -21.61 7.59 -4.48
CA CYS B 263 -21.55 8.35 -5.71
C CYS B 263 -22.96 8.69 -6.18
N PRO B 264 -23.11 9.71 -7.03
CA PRO B 264 -22.11 10.54 -7.64
C PRO B 264 -22.20 12.01 -7.23
N2 3O3 C . 16.52 7.82 -14.68
N3 3O3 C . 13.79 8.93 -11.46
O3 3O3 C . 16.31 4.67 -13.03
C4 3O3 C . 16.32 6.96 -13.53
OXT 3O3 C . 15.98 5.23 -15.14
C5 3O3 C . 16.20 5.52 -13.93
O5 3O3 C . 12.02 9.01 -9.52
C6 3O3 C . 15.01 7.31 -12.84
O6 3O3 C . 12.17 11.18 -9.17
C7 3O3 C . 15.08 8.63 -12.07
O7 3O3 C . 12.20 9.72 -13.57
C8 3O3 C . 13.63 10.21 -10.75
O8 3O3 C . 10.25 10.75 -13.44
C9 3O3 C . 13.47 11.41 -11.70
C10 3O3 C . 12.05 11.72 -12.23
C11 3O3 C . 12.53 10.13 -9.73
C12 3O3 C . 11.47 10.66 -13.15
BR BR D . 20.17 7.20 -14.20
BR BR E . -2.13 21.54 -24.26
BR BR F . -12.42 12.61 -5.32
BR BR G . 4.97 7.33 -29.53
N2 3O3 H . -15.07 -5.01 17.32
N3 3O3 H . -10.92 -3.79 16.30
O3 3O3 H . -15.51 -3.40 14.13
C4 3O3 H . -14.73 -4.02 16.30
OXT 3O3 H . -16.62 -4.96 15.25
C5 3O3 H . -15.69 -4.13 15.15
O5 3O3 H . -8.69 -2.88 15.28
C6 3O3 H . -13.30 -4.21 15.80
O6 3O3 H . -7.50 -2.93 17.13
C7 3O3 H . -12.30 -3.55 16.72
O7 3O3 H . -10.53 -6.44 16.48
C8 3O3 H . -9.86 -3.37 17.23
O8 3O3 H . -8.53 -7.32 16.25
C9 3O3 H . -9.67 -4.44 18.32
C10 3O3 H . -8.80 -5.66 17.96
C11 3O3 H . -8.59 -3.03 16.51
C12 3O3 H . -9.33 -6.52 16.83
BR BR I . -17.76 -3.17 18.49
BR BR J . -16.79 0.04 37.82
#